data_9MS1
#
_entry.id   9MS1
#
_cell.length_a   75.772
_cell.length_b   100.654
_cell.length_c   121.133
_cell.angle_alpha   90.00
_cell.angle_beta   90.00
_cell.angle_gamma   90.00
#
_symmetry.space_group_name_H-M   'I 2 2 2'
#
loop_
_entity.id
_entity.type
_entity.pdbx_description
1 polymer 'Cytochrome P450 3A4'
2 non-polymer 'PROTOPORPHYRIN IX CONTAINING FE'
3 non-polymer "N'-(2-chlorophenyl)-N-[(3-hydroxyphenyl)methyl]-N-[(2P)-2-(1H-imidazol-1-yl)-5-(trifluoromethyl)phenyl]urea"
#
_entity_poly.entity_id   1
_entity_poly.type   'polypeptide(L)'
_entity_poly.pdbx_seq_one_letter_code
;MALYGTHSHGLFKKLGIPGPTPLPFLGNILSYHKGFCMFDMECHKKYGKVWGFYDGQQPVLAITDPDMIKTVLVKECYSV
FTNRRPFGPVGFMKSAISIAEDEEWKRLRSLLSPTFTSGKLKEMVPIIAQYGDVLVRNLRREAETGKPVTLKDVFGAYSM
DVITSTSFGVNIDSLNNPQDPFVENTKKLLRFDFLDPFFLSITVFPFLIPILEVLNICVFPREVTNFLRKSVKRMKESRL
EDTQKHRVDFLQLMIDSQNSKETESHKALSDLELVAQSIIFIFAGYETTSSVLSFIMYELATHPDVQQKLQEEIDAVLPN
KAPPTYDTVLQMEYLDMVVNETLRLFPIAMRLERVCKKDVEINGMFIPKGVVVMIPSYALHRDPKYWTEPEKFLPERFSK
KNKDNIDPYIYTPFGSGPRNCIGMRFALMNMKLALIRVLQNFSFKPCKETQIPLKLSLGGLLQPEKPVVLKVESRDGTVS
GAHHHH
;
_entity_poly.pdbx_strand_id   A
#
loop_
_chem_comp.id
_chem_comp.type
_chem_comp.name
_chem_comp.formula
A1BNX non-polymer N'-(2-chlorophenyl)-N-[(3-hydroxyphenyl)methyl]-N-[(2P)-2-(1H-imidazol-1-yl)-5-(trifluoromethyl)phenyl]urea 'C24 H18 Cl F3 N4 O2'
HEM non-polymer 'PROTOPORPHYRIN IX CONTAINING FE' 'C34 H32 Fe N4 O4'
#
# COMPACT_ATOMS: atom_id res chain seq x y z
N HIS A 7 11.16 31.59 10.15
CA HIS A 7 10.62 32.36 9.03
C HIS A 7 9.39 31.68 8.44
N SER A 8 9.49 30.37 8.20
CA SER A 8 8.36 29.60 7.70
C SER A 8 7.38 29.23 8.80
N HIS A 9 7.80 29.32 10.06
CA HIS A 9 6.95 28.90 11.17
C HIS A 9 5.82 29.88 11.44
N GLY A 10 5.91 31.11 10.93
CA GLY A 10 4.84 32.06 11.05
C GLY A 10 3.75 31.93 10.00
N LEU A 11 3.90 31.01 9.06
CA LEU A 11 2.91 30.84 8.00
C LEU A 11 1.58 30.35 8.57
N PHE A 12 1.59 29.20 9.24
CA PHE A 12 0.37 28.69 9.86
C PHE A 12 -0.10 29.57 11.01
N LYS A 13 0.79 30.41 11.56
CA LYS A 13 0.35 31.42 12.52
C LYS A 13 -0.30 32.60 11.84
N LYS A 14 0.15 32.96 10.64
CA LYS A 14 -0.48 34.05 9.90
C LYS A 14 -1.86 33.64 9.40
N LEU A 15 -2.01 32.40 8.94
CA LEU A 15 -3.31 31.91 8.48
C LEU A 15 -4.25 31.55 9.62
N GLY A 16 -3.83 31.73 10.87
CA GLY A 16 -4.68 31.45 12.01
C GLY A 16 -5.04 29.99 12.14
N ILE A 17 -4.04 29.13 12.03
CA ILE A 17 -4.22 27.67 12.07
C ILE A 17 -3.51 27.16 13.32
N PRO A 18 -4.19 26.46 14.22
CA PRO A 18 -3.53 25.96 15.42
C PRO A 18 -2.59 24.80 15.08
N GLY A 19 -1.66 24.55 15.99
CA GLY A 19 -0.69 23.50 15.82
C GLY A 19 0.42 23.60 16.85
N PRO A 20 1.17 22.51 17.02
CA PRO A 20 2.28 22.54 17.98
C PRO A 20 3.35 23.51 17.53
N THR A 21 3.82 24.33 18.47
CA THR A 21 4.83 25.35 18.16
C THR A 21 6.13 24.67 17.72
N PRO A 22 6.60 24.93 16.50
CA PRO A 22 7.77 24.23 15.99
C PRO A 22 9.08 24.87 16.46
N LEU A 23 10.13 24.03 16.49
CA LEU A 23 11.48 24.49 16.79
C LEU A 23 12.20 24.86 15.50
N PRO A 24 13.14 25.81 15.56
CA PRO A 24 13.83 26.25 14.35
C PRO A 24 14.61 25.12 13.69
N PHE A 25 14.65 25.14 12.36
CA PHE A 25 15.42 24.21 11.54
C PHE A 25 14.91 22.78 11.63
N LEU A 26 14.04 22.49 12.58
CA LEU A 26 13.54 21.14 12.79
C LEU A 26 12.03 21.01 12.68
N GLY A 27 11.27 22.03 13.07
CA GLY A 27 9.83 21.95 13.01
C GLY A 27 9.24 21.09 14.12
N ASN A 28 8.57 20.01 13.76
CA ASN A 28 7.95 19.11 14.72
C ASN A 28 8.42 17.67 14.52
N ILE A 29 9.66 17.48 14.08
CA ILE A 29 10.15 16.13 13.85
C ILE A 29 10.38 15.41 15.17
N LEU A 30 10.67 16.16 16.25
CA LEU A 30 10.82 15.53 17.55
C LEU A 30 9.53 14.90 18.04
N SER A 31 8.38 15.37 17.54
CA SER A 31 7.10 14.76 17.88
C SER A 31 6.88 13.42 17.19
N TYR A 32 7.74 13.05 16.25
CA TYR A 32 7.66 11.76 15.58
C TYR A 32 8.23 10.62 16.40
N HIS A 33 8.57 10.86 17.67
CA HIS A 33 9.11 9.80 18.51
C HIS A 33 8.08 8.71 18.78
N LYS A 34 6.80 9.07 18.83
CA LYS A 34 5.72 8.11 19.03
C LYS A 34 5.21 7.53 17.71
N GLY A 35 5.80 7.91 16.59
CA GLY A 35 5.38 7.42 15.30
C GLY A 35 4.44 8.38 14.60
N PHE A 36 4.34 8.22 13.27
CA PHE A 36 3.41 9.03 12.50
C PHE A 36 1.99 8.87 13.01
N CYS A 37 1.62 7.64 13.37
CA CYS A 37 0.23 7.35 13.71
C CYS A 37 -0.16 7.99 15.04
N MET A 38 0.67 7.80 16.08
CA MET A 38 0.34 8.38 17.38
C MET A 38 0.34 9.90 17.32
N PHE A 39 1.27 10.49 16.56
CA PHE A 39 1.35 11.94 16.47
C PHE A 39 0.12 12.53 15.78
N ASP A 40 -0.37 11.86 14.74
CA ASP A 40 -1.53 12.36 14.01
C ASP A 40 -2.79 12.30 14.85
N MET A 41 -2.94 11.25 15.66
CA MET A 41 -4.14 11.11 16.47
C MET A 41 -4.18 12.13 17.59
N GLU A 42 -3.03 12.42 18.20
CA GLU A 42 -2.99 13.40 19.29
C GLU A 42 -3.36 14.78 18.79
N CYS A 43 -2.77 15.20 17.67
CA CYS A 43 -3.04 16.55 17.16
C CYS A 43 -4.47 16.69 16.67
N HIS A 44 -5.11 15.59 16.25
CA HIS A 44 -6.50 15.67 15.83
C HIS A 44 -7.44 15.93 17.00
N LYS A 45 -7.11 15.40 18.18
CA LYS A 45 -7.96 15.62 19.34
C LYS A 45 -7.81 17.05 19.86
N LYS A 46 -6.58 17.54 19.95
CA LYS A 46 -6.33 18.86 20.55
C LYS A 46 -6.55 19.98 19.55
N TYR A 47 -5.80 19.98 18.45
CA TYR A 47 -5.77 21.11 17.53
C TYR A 47 -6.93 21.12 16.54
N GLY A 48 -7.97 20.31 16.76
CA GLY A 48 -9.21 20.44 16.01
C GLY A 48 -9.31 19.63 14.74
N LYS A 49 -10.08 20.14 13.78
CA LYS A 49 -10.29 19.45 12.51
C LYS A 49 -9.21 19.77 11.47
N VAL A 50 -8.61 20.96 11.56
CA VAL A 50 -7.53 21.37 10.66
C VAL A 50 -6.41 21.95 11.50
N TRP A 51 -5.19 21.42 11.31
CA TRP A 51 -4.02 21.93 12.01
C TRP A 51 -2.82 21.88 11.07
N GLY A 52 -1.72 22.46 11.52
CA GLY A 52 -0.52 22.55 10.70
C GLY A 52 0.73 22.39 11.54
N PHE A 53 1.74 21.77 10.94
CA PHE A 53 3.03 21.58 11.57
C PHE A 53 4.11 21.67 10.49
N TYR A 54 5.35 21.38 10.86
CA TYR A 54 6.47 21.55 9.94
C TYR A 54 7.39 20.34 10.00
N ASP A 55 7.66 19.75 8.83
CA ASP A 55 8.72 18.75 8.69
C ASP A 55 9.98 19.49 8.25
N GLY A 56 10.65 20.08 9.23
CA GLY A 56 11.78 20.95 8.96
C GLY A 56 11.31 22.33 8.53
N GLN A 57 11.63 22.72 7.30
CA GLN A 57 11.13 23.96 6.74
C GLN A 57 9.87 23.76 5.90
N GLN A 58 9.48 22.51 5.65
CA GLN A 58 8.33 22.24 4.79
C GLN A 58 7.03 22.41 5.58
N PRO A 59 6.16 23.34 5.21
CA PRO A 59 4.88 23.48 5.91
C PRO A 59 3.92 22.37 5.51
N VAL A 60 3.26 21.79 6.51
CA VAL A 60 2.34 20.68 6.31
C VAL A 60 1.00 21.06 6.94
N LEU A 61 -0.08 20.93 6.17
CA LEU A 61 -1.43 21.23 6.65
C LEU A 61 -2.25 19.95 6.69
N ALA A 62 -2.81 19.66 7.86
CA ALA A 62 -3.67 18.49 8.05
C ALA A 62 -5.12 18.91 7.93
N ILE A 63 -5.90 18.15 7.16
CA ILE A 63 -7.33 18.39 6.98
C ILE A 63 -8.08 17.09 7.27
N THR A 64 -9.25 17.22 7.89
CA THR A 64 -10.11 16.07 8.17
C THR A 64 -11.51 16.22 7.60
N ASP A 65 -11.88 17.41 7.15
CA ASP A 65 -13.21 17.64 6.59
C ASP A 65 -13.37 16.85 5.30
N PRO A 66 -14.39 15.99 5.20
CA PRO A 66 -14.56 15.18 3.97
C PRO A 66 -14.71 16.01 2.72
N ASP A 67 -15.34 17.19 2.81
CA ASP A 67 -15.47 18.04 1.63
C ASP A 67 -14.13 18.57 1.18
N MET A 68 -13.28 18.93 2.15
CA MET A 68 -11.93 19.44 1.80
C MET A 68 -11.16 18.26 1.20
N ILE A 69 -11.36 17.08 1.77
CA ILE A 69 -10.63 15.88 1.28
C ILE A 69 -11.02 15.65 -0.19
N LYS A 70 -12.32 15.67 -0.49
CA LYS A 70 -12.78 15.40 -1.87
C LYS A 70 -12.21 16.46 -2.81
N THR A 71 -12.20 17.70 -2.33
CA THR A 71 -11.68 18.80 -3.16
C THR A 71 -10.23 18.53 -3.46
N VAL A 72 -9.46 18.15 -2.45
CA VAL A 72 -7.99 17.97 -2.65
C VAL A 72 -7.73 16.74 -3.52
N LEU A 73 -8.45 15.65 -3.30
CA LEU A 73 -8.16 14.43 -4.05
C LEU A 73 -8.93 14.31 -5.36
N VAL A 74 -10.16 14.83 -5.42
CA VAL A 74 -11.01 14.58 -6.58
C VAL A 74 -11.32 15.88 -7.32
N LYS A 75 -12.01 16.80 -6.65
CA LYS A 75 -12.51 18.01 -7.29
C LYS A 75 -11.39 18.84 -7.92
N GLU A 76 -10.54 19.42 -7.09
CA GLU A 76 -9.44 20.27 -7.58
C GLU A 76 -8.13 19.50 -7.63
N CYS A 77 -8.15 18.30 -8.23
CA CYS A 77 -6.96 17.48 -8.30
C CYS A 77 -6.00 17.96 -9.39
N TYR A 78 -6.49 18.01 -10.63
CA TYR A 78 -5.63 18.39 -11.75
C TYR A 78 -5.14 19.83 -11.64
N SER A 79 -5.83 20.67 -10.88
CA SER A 79 -5.57 22.10 -10.89
C SER A 79 -4.65 22.55 -9.75
N VAL A 80 -4.88 22.07 -8.53
CA VAL A 80 -4.19 22.58 -7.35
C VAL A 80 -3.47 21.48 -6.59
N PHE A 81 -4.08 20.32 -6.44
CA PHE A 81 -3.55 19.24 -5.62
C PHE A 81 -3.37 17.99 -6.49
N THR A 82 -2.22 17.88 -7.13
CA THR A 82 -1.98 16.85 -8.13
C THR A 82 -0.87 15.87 -7.75
N ASN A 83 0.23 16.35 -7.20
CA ASN A 83 1.42 15.53 -6.99
C ASN A 83 1.71 15.36 -5.51
N ARG A 84 2.57 14.38 -5.21
CA ARG A 84 2.95 14.07 -3.84
C ARG A 84 4.25 14.79 -3.47
N ARG A 85 4.60 14.72 -2.19
CA ARG A 85 5.82 15.42 -1.71
C ARG A 85 7.06 14.65 -2.17
N PRO A 86 8.14 15.34 -2.61
CA PRO A 86 9.31 14.66 -3.13
C PRO A 86 9.79 13.58 -2.17
N PHE A 87 10.06 12.42 -2.71
CA PHE A 87 10.57 11.29 -1.88
C PHE A 87 11.95 11.66 -1.40
N GLY A 88 12.87 11.75 -2.36
CA GLY A 88 14.25 12.09 -1.99
C GLY A 88 15.23 11.83 -3.13
N PRO A 89 16.31 11.07 -2.90
CA PRO A 89 17.37 10.87 -3.90
C PRO A 89 17.01 9.91 -5.03
N VAL A 90 15.77 9.95 -5.51
CA VAL A 90 15.36 9.07 -6.59
C VAL A 90 16.05 9.50 -7.88
N GLY A 91 16.52 8.52 -8.66
CA GLY A 91 17.23 8.81 -9.89
C GLY A 91 16.37 8.61 -11.12
N PHE A 92 16.67 7.55 -11.89
CA PHE A 92 15.86 7.24 -13.06
C PHE A 92 14.43 6.85 -12.69
N MET A 93 14.20 6.49 -11.42
CA MET A 93 12.85 6.16 -10.95
C MET A 93 11.93 7.36 -10.88
N LYS A 94 12.44 8.57 -11.15
CA LYS A 94 11.57 9.75 -11.18
C LYS A 94 10.46 9.61 -12.21
N SER A 95 10.64 8.75 -13.21
CA SER A 95 9.60 8.47 -14.20
C SER A 95 8.58 7.46 -13.70
N ALA A 96 8.69 6.99 -12.47
CA ALA A 96 7.69 6.09 -11.92
C ALA A 96 6.35 6.78 -11.82
N ILE A 97 5.27 6.03 -12.08
CA ILE A 97 3.94 6.61 -12.07
C ILE A 97 3.61 7.19 -10.69
N SER A 98 4.08 6.53 -9.63
CA SER A 98 3.86 7.06 -8.29
C SER A 98 4.75 8.24 -7.98
N ILE A 99 5.79 8.47 -8.78
CA ILE A 99 6.71 9.58 -8.57
C ILE A 99 6.57 10.68 -9.61
N ALA A 100 5.98 10.38 -10.77
CA ALA A 100 5.84 11.38 -11.82
C ALA A 100 4.92 12.51 -11.38
N GLU A 101 5.07 13.66 -12.03
CA GLU A 101 4.36 14.87 -11.65
C GLU A 101 3.72 15.50 -12.87
N ASP A 102 2.49 15.98 -12.68
CA ASP A 102 1.76 16.82 -13.64
C ASP A 102 1.61 16.07 -14.95
N GLU A 103 2.16 16.55 -16.07
CA GLU A 103 1.81 16.00 -17.38
C GLU A 103 2.34 14.59 -17.57
N GLU A 104 3.52 14.28 -17.01
CA GLU A 104 4.06 12.93 -17.14
C GLU A 104 3.21 11.92 -16.40
N TRP A 105 2.63 12.30 -15.26
CA TRP A 105 1.76 11.39 -14.53
C TRP A 105 0.49 11.09 -15.31
N LYS A 106 -0.11 12.12 -15.91
CA LYS A 106 -1.31 11.89 -16.71
C LYS A 106 -1.01 11.05 -17.93
N ARG A 107 0.18 11.21 -18.52
CA ARG A 107 0.55 10.38 -19.67
C ARG A 107 0.80 8.93 -19.23
N LEU A 108 1.43 8.75 -18.07
CA LEU A 108 1.78 7.40 -17.63
C LEU A 108 0.55 6.63 -17.14
N ARG A 109 -0.36 7.30 -16.44
CA ARG A 109 -1.52 6.60 -15.90
C ARG A 109 -2.48 6.18 -17.02
N SER A 110 -2.69 7.05 -18.01
CA SER A 110 -3.50 6.66 -19.15
C SER A 110 -2.88 5.50 -19.91
N LEU A 111 -1.54 5.49 -20.01
CA LEU A 111 -0.85 4.39 -20.66
C LEU A 111 -0.82 3.12 -19.82
N LEU A 112 -1.19 3.20 -18.54
CA LEU A 112 -1.17 2.05 -17.65
C LEU A 112 -2.53 1.69 -17.08
N SER A 113 -3.54 2.54 -17.24
CA SER A 113 -4.86 2.24 -16.68
C SER A 113 -5.50 1.00 -17.29
N PRO A 114 -5.50 0.80 -18.62
CA PRO A 114 -6.10 -0.43 -19.16
C PRO A 114 -5.41 -1.70 -18.70
N THR A 115 -4.18 -1.61 -18.18
CA THR A 115 -3.49 -2.80 -17.70
C THR A 115 -4.16 -3.36 -16.45
N PHE A 116 -4.76 -2.50 -15.62
CA PHE A 116 -5.44 -2.91 -14.40
C PHE A 116 -6.96 -2.98 -14.59
N THR A 117 -7.42 -3.24 -15.81
CA THR A 117 -8.85 -3.31 -16.08
C THR A 117 -9.43 -4.59 -15.49
N SER A 118 -10.68 -4.49 -15.03
CA SER A 118 -11.39 -5.67 -14.53
C SER A 118 -11.40 -6.80 -15.54
N GLY A 119 -11.42 -6.48 -16.84
CA GLY A 119 -11.35 -7.52 -17.85
C GLY A 119 -9.99 -8.17 -17.95
N LYS A 120 -8.93 -7.41 -17.69
CA LYS A 120 -7.57 -7.96 -17.76
C LYS A 120 -7.24 -8.78 -16.52
N LEU A 121 -7.83 -8.45 -15.37
CA LEU A 121 -7.56 -9.21 -14.15
C LEU A 121 -8.25 -10.57 -14.17
N LYS A 122 -9.43 -10.67 -14.80
CA LYS A 122 -10.14 -11.94 -14.86
C LYS A 122 -9.39 -12.96 -15.71
N GLU A 123 -8.70 -12.51 -16.75
CA GLU A 123 -7.94 -13.42 -17.60
C GLU A 123 -6.64 -13.90 -16.95
N MET A 124 -6.25 -13.32 -15.82
CA MET A 124 -5.05 -13.73 -15.10
C MET A 124 -5.36 -14.46 -13.80
N VAL A 125 -6.63 -14.75 -13.53
CA VAL A 125 -7.03 -15.42 -12.29
C VAL A 125 -6.53 -16.86 -12.26
N PRO A 126 -6.70 -17.66 -13.32
CA PRO A 126 -6.18 -19.04 -13.26
C PRO A 126 -4.66 -19.10 -13.17
N ILE A 127 -3.94 -18.13 -13.72
CA ILE A 127 -2.49 -18.14 -13.64
C ILE A 127 -2.02 -17.74 -12.24
N ILE A 128 -2.77 -16.88 -11.56
CA ILE A 128 -2.39 -16.46 -10.21
C ILE A 128 -2.60 -17.54 -9.17
N ALA A 129 -3.21 -18.67 -9.56
CA ALA A 129 -3.46 -19.76 -8.62
C ALA A 129 -2.42 -20.86 -8.68
N GLN A 130 -1.59 -20.91 -9.74
CA GLN A 130 -0.55 -21.92 -9.81
C GLN A 130 0.47 -21.75 -8.70
N TYR A 131 0.97 -20.52 -8.53
CA TYR A 131 1.87 -20.24 -7.41
C TYR A 131 1.13 -20.26 -6.07
N GLY A 132 -0.18 -20.07 -6.08
CA GLY A 132 -0.94 -20.16 -4.84
C GLY A 132 -1.04 -21.58 -4.32
N ASP A 133 -1.23 -22.54 -5.23
CA ASP A 133 -1.21 -23.95 -4.83
C ASP A 133 0.18 -24.35 -4.33
N VAL A 134 1.23 -23.69 -4.83
CA VAL A 134 2.56 -23.95 -4.31
C VAL A 134 2.71 -23.39 -2.89
N LEU A 135 1.99 -22.31 -2.59
CA LEU A 135 2.04 -21.75 -1.24
C LEU A 135 1.35 -22.67 -0.24
N VAL A 136 0.26 -23.33 -0.66
CA VAL A 136 -0.40 -24.30 0.22
C VAL A 136 0.46 -25.54 0.39
N ARG A 137 1.21 -25.92 -0.65
CA ARG A 137 2.14 -27.04 -0.52
C ARG A 137 3.24 -26.72 0.50
N ASN A 138 3.75 -25.49 0.47
CA ASN A 138 4.70 -25.04 1.48
C ASN A 138 4.04 -24.77 2.82
N LEU A 139 2.72 -24.69 2.87
CA LEU A 139 2.00 -24.51 4.12
C LEU A 139 1.64 -25.82 4.81
N ARG A 140 1.56 -26.92 4.06
CA ARG A 140 1.27 -28.20 4.68
C ARG A 140 2.48 -28.74 5.45
N ARG A 141 3.68 -28.48 4.94
CA ARG A 141 4.89 -28.89 5.65
C ARG A 141 5.05 -28.12 6.95
N GLU A 142 4.67 -26.84 6.95
CA GLU A 142 4.69 -26.06 8.19
C GLU A 142 3.60 -26.51 9.15
N ALA A 143 2.51 -27.09 8.64
CA ALA A 143 1.48 -27.63 9.51
C ALA A 143 1.92 -28.95 10.13
N GLU A 144 2.84 -29.67 9.48
CA GLU A 144 3.37 -30.90 10.06
C GLU A 144 4.17 -30.63 11.32
N THR A 145 4.64 -29.40 11.51
CA THR A 145 5.37 -29.00 12.70
C THR A 145 4.41 -28.28 13.65
N GLY A 146 4.43 -28.68 14.92
CA GLY A 146 3.66 -27.98 15.93
C GLY A 146 4.20 -26.63 16.33
N LYS A 147 5.31 -26.22 15.75
CA LYS A 147 5.96 -24.95 16.08
C LYS A 147 5.34 -23.82 15.26
N PRO A 148 5.27 -22.61 15.82
CA PRO A 148 4.69 -21.49 15.07
C PRO A 148 5.52 -21.13 13.85
N VAL A 149 4.91 -20.37 12.95
CA VAL A 149 5.53 -19.96 11.69
C VAL A 149 5.31 -18.47 11.48
N THR A 150 6.37 -17.77 11.06
CA THR A 150 6.26 -16.35 10.76
C THR A 150 5.53 -16.17 9.43
N LEU A 151 4.44 -15.40 9.45
CA LEU A 151 3.59 -15.26 8.28
C LEU A 151 4.19 -14.34 7.22
N LYS A 152 5.07 -13.42 7.61
CA LYS A 152 5.62 -12.46 6.65
C LYS A 152 6.48 -13.15 5.59
N ASP A 153 7.20 -14.20 5.98
CA ASP A 153 8.07 -14.89 5.02
C ASP A 153 7.27 -15.78 4.08
N VAL A 154 6.22 -16.43 4.59
CA VAL A 154 5.40 -17.28 3.73
C VAL A 154 4.55 -16.44 2.79
N PHE A 155 4.00 -15.34 3.29
CA PHE A 155 3.23 -14.45 2.42
C PHE A 155 4.13 -13.76 1.41
N GLY A 156 5.33 -13.33 1.84
CA GLY A 156 6.26 -12.73 0.91
C GLY A 156 6.74 -13.71 -0.15
N ALA A 157 6.87 -14.98 0.21
CA ALA A 157 7.21 -15.99 -0.78
C ALA A 157 6.13 -16.11 -1.85
N TYR A 158 4.86 -16.07 -1.43
CA TYR A 158 3.76 -16.06 -2.39
C TYR A 158 3.68 -14.73 -3.12
N SER A 159 3.84 -13.63 -2.39
CA SER A 159 3.74 -12.31 -3.00
C SER A 159 4.80 -12.09 -4.07
N MET A 160 5.99 -12.67 -3.90
CA MET A 160 7.01 -12.55 -4.93
C MET A 160 6.68 -13.41 -6.13
N ASP A 161 6.18 -14.62 -5.91
CA ASP A 161 5.86 -15.51 -7.01
C ASP A 161 4.76 -14.93 -7.90
N VAL A 162 3.71 -14.39 -7.28
CA VAL A 162 2.62 -13.80 -8.07
C VAL A 162 3.10 -12.54 -8.78
N ILE A 163 3.92 -11.74 -8.10
CA ILE A 163 4.41 -10.50 -8.71
C ILE A 163 5.30 -10.81 -9.91
N THR A 164 6.23 -11.76 -9.74
CA THR A 164 7.09 -12.14 -10.85
C THR A 164 6.29 -12.81 -11.97
N SER A 165 5.34 -13.67 -11.61
CA SER A 165 4.55 -14.35 -12.63
C SER A 165 3.51 -13.46 -13.29
N THR A 166 3.25 -12.28 -12.73
CA THR A 166 2.33 -11.32 -13.34
C THR A 166 3.02 -10.14 -13.99
N SER A 167 4.12 -9.66 -13.41
CA SER A 167 4.92 -8.64 -14.07
C SER A 167 5.72 -9.22 -15.23
N PHE A 168 6.18 -10.46 -15.11
CA PHE A 168 6.87 -11.16 -16.19
C PHE A 168 6.28 -12.56 -16.27
N GLY A 169 7.04 -13.48 -16.86
CA GLY A 169 6.61 -14.87 -16.97
C GLY A 169 7.33 -15.84 -16.06
N VAL A 170 8.05 -15.37 -15.04
CA VAL A 170 8.85 -16.24 -14.19
C VAL A 170 7.97 -16.91 -13.14
N ASN A 171 7.46 -18.10 -13.45
CA ASN A 171 6.76 -18.92 -12.47
C ASN A 171 7.81 -19.57 -11.57
N ILE A 172 7.88 -19.11 -10.32
CA ILE A 172 8.95 -19.52 -9.41
C ILE A 172 8.34 -19.93 -8.07
N ASP A 173 9.19 -20.50 -7.24
CA ASP A 173 8.88 -20.82 -5.84
C ASP A 173 9.94 -20.07 -5.03
N SER A 174 9.63 -18.82 -4.67
CA SER A 174 10.65 -17.91 -4.16
C SER A 174 11.34 -18.46 -2.92
N LEU A 175 10.57 -18.97 -1.96
CA LEU A 175 11.17 -19.49 -0.73
C LEU A 175 11.91 -20.80 -1.00
N ASN A 176 11.38 -21.63 -1.89
CA ASN A 176 12.00 -22.92 -2.20
C ASN A 176 13.07 -22.82 -3.29
N ASN A 177 13.12 -21.71 -4.04
CA ASN A 177 14.16 -21.48 -5.03
C ASN A 177 14.82 -20.13 -4.74
N PRO A 178 15.66 -20.06 -3.70
CA PRO A 178 16.30 -18.80 -3.30
C PRO A 178 17.61 -18.54 -4.04
N GLN A 179 17.59 -18.66 -5.37
CA GLN A 179 18.78 -18.43 -6.17
C GLN A 179 18.54 -17.67 -7.46
N ASP A 180 17.30 -17.55 -7.93
CA ASP A 180 17.05 -16.81 -9.16
C ASP A 180 17.30 -15.32 -8.93
N PRO A 181 17.88 -14.62 -9.91
CA PRO A 181 18.14 -13.18 -9.72
C PRO A 181 16.89 -12.36 -9.47
N PHE A 182 15.74 -12.79 -9.99
CA PHE A 182 14.50 -12.05 -9.74
C PHE A 182 14.09 -12.15 -8.27
N VAL A 183 14.19 -13.35 -7.69
CA VAL A 183 13.85 -13.51 -6.28
C VAL A 183 14.92 -12.86 -5.40
N GLU A 184 16.19 -12.89 -5.83
CA GLU A 184 17.28 -12.40 -5.00
C GLU A 184 17.22 -10.88 -4.85
N ASN A 185 16.94 -10.15 -5.93
CA ASN A 185 16.91 -8.70 -5.86
C ASN A 185 15.74 -8.21 -5.00
N THR A 186 14.56 -8.82 -5.17
CA THR A 186 13.38 -8.37 -4.44
C THR A 186 13.46 -8.76 -2.96
N LYS A 187 13.93 -9.97 -2.67
CA LYS A 187 14.03 -10.41 -1.28
C LYS A 187 15.08 -9.63 -0.49
N LYS A 188 16.06 -9.03 -1.17
CA LYS A 188 17.05 -8.22 -0.47
C LYS A 188 16.46 -6.89 -0.02
N LEU A 189 15.61 -6.29 -0.86
CA LEU A 189 14.91 -5.06 -0.50
C LEU A 189 13.41 -5.21 -0.68
N LEU A 195 11.37 7.30 11.35
CA LEU A 195 11.55 6.09 10.55
C LEU A 195 13.01 5.63 10.55
N ASP A 196 13.49 5.22 9.38
CA ASP A 196 14.89 4.89 9.22
C ASP A 196 15.73 6.16 9.33
N PRO A 197 17.01 6.02 9.71
CA PRO A 197 17.85 7.22 9.87
C PRO A 197 18.00 8.04 8.59
N PHE A 198 17.83 7.41 7.42
CA PHE A 198 18.01 8.14 6.16
C PHE A 198 16.79 8.99 5.82
N PHE A 199 15.60 8.38 5.84
CA PHE A 199 14.39 9.11 5.44
C PHE A 199 14.10 10.27 6.38
N LEU A 200 14.40 10.12 7.67
CA LEU A 200 14.17 11.20 8.61
C LEU A 200 15.09 12.38 8.37
N SER A 201 16.29 12.13 7.84
CA SER A 201 17.23 13.22 7.59
C SER A 201 16.82 14.04 6.37
N ILE A 202 16.14 13.42 5.41
CA ILE A 202 15.74 14.13 4.19
C ILE A 202 14.63 15.14 4.50
N THR A 203 13.83 14.88 5.54
CA THR A 203 12.77 15.82 5.89
C THR A 203 13.33 17.13 6.43
N VAL A 204 14.35 17.06 7.29
CA VAL A 204 14.96 18.27 7.81
C VAL A 204 15.80 18.95 6.74
N PHE A 205 16.40 18.18 5.83
CA PHE A 205 17.29 18.70 4.80
C PHE A 205 16.73 18.36 3.41
N PRO A 206 15.68 19.06 2.98
CA PRO A 206 15.24 18.90 1.57
C PRO A 206 16.24 19.48 0.60
N PHE A 207 17.11 20.38 1.04
CA PHE A 207 18.19 20.88 0.19
C PHE A 207 19.21 19.81 -0.13
N LEU A 208 19.25 18.72 0.65
CA LEU A 208 20.16 17.62 0.36
C LEU A 208 19.65 16.72 -0.75
N ILE A 209 18.35 16.82 -1.10
CA ILE A 209 17.80 15.97 -2.15
C ILE A 209 18.50 16.18 -3.49
N PRO A 210 18.62 17.40 -4.02
CA PRO A 210 19.32 17.56 -5.30
C PRO A 210 20.80 17.28 -5.21
N ILE A 211 21.41 17.42 -4.03
CA ILE A 211 22.83 17.09 -3.90
C ILE A 211 23.05 15.59 -3.94
N LEU A 212 22.10 14.80 -3.42
CA LEU A 212 22.22 13.36 -3.47
C LEU A 212 22.13 12.85 -4.90
N GLU A 213 21.24 13.42 -5.71
CA GLU A 213 21.13 13.03 -7.11
C GLU A 213 22.37 13.42 -7.90
N VAL A 214 23.02 14.53 -7.53
CA VAL A 214 24.29 14.89 -8.16
C VAL A 214 25.36 13.87 -7.81
N LEU A 215 25.29 13.27 -6.62
CA LEU A 215 26.20 12.20 -6.24
C LEU A 215 25.78 10.85 -6.79
N ASN A 216 24.71 10.79 -7.58
CA ASN A 216 24.22 9.58 -8.24
C ASN A 216 23.94 8.46 -7.25
N ILE A 217 23.66 8.79 -5.99
CA ILE A 217 23.37 7.81 -4.95
C ILE A 217 21.87 7.83 -4.73
N CYS A 218 21.18 6.81 -5.26
CA CYS A 218 19.73 6.73 -5.16
C CYS A 218 19.32 5.77 -4.04
N VAL A 219 18.14 6.02 -3.47
CA VAL A 219 17.68 5.27 -2.31
C VAL A 219 17.43 3.79 -2.64
N PHE A 220 17.30 3.45 -3.93
CA PHE A 220 17.10 2.07 -4.34
C PHE A 220 18.44 1.45 -4.71
N PRO A 221 18.83 0.32 -4.10
CA PRO A 221 20.09 -0.34 -4.47
C PRO A 221 20.33 -0.43 -5.97
N ARG A 222 21.39 0.21 -6.44
CA ARG A 222 21.67 0.24 -7.88
C ARG A 222 22.00 -1.13 -8.45
N GLU A 223 22.44 -2.07 -7.61
CA GLU A 223 22.73 -3.41 -8.10
C GLU A 223 21.48 -4.13 -8.58
N VAL A 224 20.33 -3.86 -7.95
CA VAL A 224 19.09 -4.49 -8.38
C VAL A 224 18.49 -3.76 -9.58
N THR A 225 18.76 -2.46 -9.72
CA THR A 225 18.22 -1.71 -10.84
C THR A 225 18.83 -2.18 -12.16
N ASN A 226 20.15 -2.36 -12.19
CA ASN A 226 20.79 -2.86 -13.40
C ASN A 226 20.42 -4.31 -13.68
N PHE A 227 20.15 -5.08 -12.62
CA PHE A 227 19.69 -6.45 -12.82
C PHE A 227 18.30 -6.49 -13.44
N LEU A 228 17.43 -5.56 -13.04
CA LEU A 228 16.12 -5.46 -13.67
C LEU A 228 16.20 -4.86 -15.06
N ARG A 229 17.22 -4.03 -15.32
CA ARG A 229 17.38 -3.44 -16.64
C ARG A 229 17.77 -4.51 -17.66
N LYS A 230 18.73 -5.37 -17.30
CA LYS A 230 19.11 -6.47 -18.19
C LYS A 230 18.01 -7.51 -18.30
N SER A 231 17.27 -7.75 -17.21
CA SER A 231 16.16 -8.70 -17.26
C SER A 231 15.06 -8.21 -18.19
N VAL A 232 14.78 -6.90 -18.18
CA VAL A 232 13.78 -6.35 -19.08
C VAL A 232 14.27 -6.38 -20.51
N LYS A 233 15.58 -6.25 -20.72
CA LYS A 233 16.12 -6.31 -22.07
C LYS A 233 16.01 -7.72 -22.65
N ARG A 234 16.35 -8.74 -21.85
CA ARG A 234 16.22 -10.11 -22.33
C ARG A 234 14.77 -10.52 -22.47
N MET A 235 13.89 -10.02 -21.59
CA MET A 235 12.47 -10.30 -21.72
C MET A 235 11.90 -9.65 -22.98
N LYS A 236 12.36 -8.45 -23.31
CA LYS A 236 11.94 -7.81 -24.55
C LYS A 236 12.42 -8.60 -25.77
N GLU A 237 13.60 -9.22 -25.67
CA GLU A 237 14.05 -10.11 -26.74
C GLU A 237 13.27 -11.42 -26.75
N SER A 238 12.79 -11.86 -25.59
CA SER A 238 11.95 -13.06 -25.54
C SER A 238 10.60 -12.81 -26.19
N ARG A 239 10.09 -11.58 -26.14
CA ARG A 239 8.85 -11.25 -26.82
C ARG A 239 9.02 -11.35 -28.33
N LEU A 240 10.01 -10.67 -28.88
CA LEU A 240 10.35 -10.73 -30.30
C LEU A 240 9.14 -10.42 -31.19
N LYS A 245 3.72 -15.86 -27.38
CA LYS A 245 2.33 -15.40 -27.52
C LYS A 245 1.79 -14.90 -26.19
N HIS A 246 2.67 -14.36 -25.36
CA HIS A 246 2.30 -13.89 -24.03
C HIS A 246 1.41 -12.66 -24.16
N ARG A 247 0.10 -12.85 -23.97
CA ARG A 247 -0.86 -11.77 -23.98
C ARG A 247 -1.46 -11.51 -22.60
N VAL A 248 -0.94 -12.17 -21.57
CA VAL A 248 -1.41 -11.96 -20.19
C VAL A 248 -0.21 -11.68 -19.31
N ASP A 249 0.33 -10.46 -19.40
CA ASP A 249 1.53 -10.08 -18.68
C ASP A 249 1.57 -8.57 -18.52
N PHE A 250 2.05 -8.10 -17.38
CA PHE A 250 2.13 -6.63 -17.13
C PHE A 250 3.02 -6.00 -18.19
N LEU A 251 4.25 -6.51 -18.33
CA LEU A 251 5.22 -5.95 -19.32
C LEU A 251 4.64 -6.07 -20.72
N GLN A 252 4.14 -7.26 -21.05
CA GLN A 252 3.54 -7.45 -22.39
C GLN A 252 2.62 -6.28 -22.65
N LEU A 253 1.63 -6.10 -21.77
CA LEU A 253 0.66 -5.04 -21.97
C LEU A 253 1.32 -3.67 -22.08
N MET A 254 2.56 -3.53 -21.61
CA MET A 254 3.29 -2.28 -21.72
C MET A 254 4.10 -2.18 -23.00
N ILE A 255 4.56 -3.31 -23.54
CA ILE A 255 5.32 -3.28 -24.78
C ILE A 255 4.39 -3.17 -25.98
N ASP A 256 3.25 -3.85 -25.94
CA ASP A 256 2.31 -3.79 -27.05
C ASP A 256 1.74 -2.39 -27.21
N SER A 257 1.32 -1.76 -26.11
CA SER A 257 0.84 -0.39 -26.17
C SER A 257 1.96 0.59 -26.53
N GLN A 258 3.22 0.21 -26.35
CA GLN A 258 4.33 1.06 -26.72
C GLN A 258 4.42 1.21 -28.24
N ASN A 259 4.39 0.09 -28.96
CA ASN A 259 4.46 0.11 -30.41
C ASN A 259 3.07 0.23 -31.03
N HIS A 266 -1.51 11.05 -26.63
CA HIS A 266 -0.32 11.21 -25.80
C HIS A 266 0.94 10.88 -26.61
N LYS A 267 2.04 10.70 -25.90
CA LYS A 267 3.30 10.35 -26.52
C LYS A 267 3.54 8.83 -26.35
N ALA A 268 4.77 8.37 -26.59
CA ALA A 268 5.10 6.96 -26.48
C ALA A 268 5.77 6.65 -25.15
N LEU A 269 5.63 5.40 -24.71
CA LEU A 269 6.25 4.95 -23.47
C LEU A 269 7.68 4.49 -23.74
N SER A 270 8.62 4.98 -22.94
CA SER A 270 10.04 4.70 -23.15
C SER A 270 10.39 3.30 -22.64
N ASP A 271 11.61 2.87 -22.98
CA ASP A 271 12.11 1.57 -22.53
C ASP A 271 12.52 1.62 -21.06
N LEU A 272 13.40 2.57 -20.71
CA LEU A 272 13.77 2.73 -19.31
C LEU A 272 12.59 3.15 -18.46
N GLU A 273 11.62 3.86 -19.06
CA GLU A 273 10.38 4.14 -18.36
C GLU A 273 9.64 2.86 -18.04
N LEU A 274 9.59 1.92 -18.98
CA LEU A 274 8.98 0.63 -18.71
C LEU A 274 9.73 -0.14 -17.62
N VAL A 275 11.05 0.05 -17.53
CA VAL A 275 11.82 -0.61 -16.49
C VAL A 275 11.43 -0.05 -15.12
N ALA A 276 11.18 1.25 -15.04
CA ALA A 276 10.86 1.86 -13.76
C ALA A 276 9.48 1.45 -13.26
N GLN A 277 8.48 1.46 -14.14
CA GLN A 277 7.12 1.13 -13.71
C GLN A 277 7.02 -0.33 -13.25
N SER A 278 7.80 -1.22 -13.87
CA SER A 278 7.78 -2.62 -13.45
C SER A 278 8.30 -2.78 -12.03
N ILE A 279 9.33 -2.00 -11.67
CA ILE A 279 9.82 -2.03 -10.30
C ILE A 279 8.76 -1.52 -9.34
N ILE A 280 7.94 -0.55 -9.78
CA ILE A 280 6.82 -0.10 -8.97
C ILE A 280 5.83 -1.25 -8.76
N PHE A 281 5.40 -1.87 -9.86
CA PHE A 281 4.49 -3.00 -9.76
C PHE A 281 5.10 -4.14 -8.95
N ILE A 282 6.42 -4.28 -8.98
CA ILE A 282 7.07 -5.36 -8.25
C ILE A 282 6.93 -5.14 -6.74
N PHE A 283 7.44 -4.01 -6.25
CA PHE A 283 7.43 -3.79 -4.81
C PHE A 283 6.02 -3.54 -4.28
N ALA A 284 5.17 -2.89 -5.06
CA ALA A 284 3.82 -2.60 -4.60
C ALA A 284 3.01 -3.87 -4.36
N GLY A 285 3.42 -5.00 -4.94
CA GLY A 285 2.77 -6.27 -4.70
C GLY A 285 3.54 -7.24 -3.85
N TYR A 286 4.63 -6.82 -3.19
CA TYR A 286 5.44 -7.71 -2.39
C TYR A 286 5.26 -7.35 -0.93
N GLU A 287 6.06 -6.44 -0.37
CA GLU A 287 5.93 -6.09 1.04
C GLU A 287 4.55 -5.51 1.34
N THR A 288 4.01 -4.74 0.40
CA THR A 288 2.68 -4.17 0.58
C THR A 288 1.62 -5.26 0.71
N THR A 289 1.65 -6.24 -0.20
CA THR A 289 0.70 -7.34 -0.13
C THR A 289 0.97 -8.24 1.07
N SER A 290 2.24 -8.57 1.32
CA SER A 290 2.57 -9.44 2.44
C SER A 290 2.24 -8.80 3.77
N SER A 291 2.37 -7.47 3.87
CA SER A 291 2.03 -6.79 5.12
C SER A 291 0.55 -6.92 5.43
N VAL A 292 -0.30 -6.65 4.45
CA VAL A 292 -1.74 -6.72 4.67
C VAL A 292 -2.18 -8.15 4.93
N LEU A 293 -1.60 -9.11 4.21
CA LEU A 293 -1.94 -10.51 4.44
C LEU A 293 -1.60 -10.95 5.85
N SER A 294 -0.52 -10.40 6.43
CA SER A 294 -0.16 -10.75 7.80
C SER A 294 -1.10 -10.09 8.80
N PHE A 295 -1.50 -8.85 8.54
CA PHE A 295 -2.44 -8.17 9.44
C PHE A 295 -3.79 -8.88 9.47
N ILE A 296 -4.21 -9.45 8.34
CA ILE A 296 -5.50 -10.12 8.28
C ILE A 296 -5.48 -11.38 9.15
N MET A 297 -4.44 -12.20 9.00
CA MET A 297 -4.42 -13.49 9.69
C MET A 297 -4.26 -13.33 11.20
N TYR A 298 -3.58 -12.28 11.66
CA TYR A 298 -3.50 -12.04 13.10
C TYR A 298 -4.88 -11.78 13.68
N GLU A 299 -5.64 -10.88 13.04
CA GLU A 299 -6.99 -10.60 13.51
C GLU A 299 -7.91 -11.81 13.36
N LEU A 300 -7.62 -12.69 12.39
CA LEU A 300 -8.38 -13.92 12.28
C LEU A 300 -7.98 -14.92 13.36
N ALA A 301 -6.73 -14.87 13.83
CA ALA A 301 -6.30 -15.76 14.90
C ALA A 301 -6.80 -15.29 16.25
N THR A 302 -6.83 -13.97 16.48
CA THR A 302 -7.34 -13.41 17.71
C THR A 302 -8.86 -13.30 17.74
N HIS A 303 -9.52 -13.55 16.61
CA HIS A 303 -10.98 -13.55 16.53
C HIS A 303 -11.42 -14.75 15.70
N PRO A 304 -11.38 -15.95 16.29
CA PRO A 304 -11.67 -17.16 15.49
C PRO A 304 -13.12 -17.30 15.07
N ASP A 305 -14.05 -16.56 15.69
CA ASP A 305 -15.43 -16.60 15.22
C ASP A 305 -15.55 -16.01 13.82
N VAL A 306 -14.80 -14.95 13.54
CA VAL A 306 -14.74 -14.41 12.18
C VAL A 306 -14.03 -15.40 11.27
N GLN A 307 -12.97 -16.04 11.77
CA GLN A 307 -12.27 -17.06 10.99
C GLN A 307 -13.18 -18.24 10.69
N GLN A 308 -13.94 -18.70 11.68
CA GLN A 308 -14.85 -19.81 11.47
C GLN A 308 -15.95 -19.44 10.47
N LYS A 309 -16.60 -18.29 10.68
CA LYS A 309 -17.66 -17.87 9.79
C LYS A 309 -17.15 -17.63 8.37
N LEU A 310 -15.94 -17.06 8.25
CA LEU A 310 -15.36 -16.87 6.92
C LEU A 310 -14.99 -18.19 6.29
N GLN A 311 -14.49 -19.13 7.09
CA GLN A 311 -14.25 -20.49 6.58
C GLN A 311 -15.56 -21.16 6.21
N GLU A 312 -16.62 -20.91 6.98
CA GLU A 312 -17.94 -21.43 6.62
C GLU A 312 -18.49 -20.73 5.39
N GLU A 313 -18.25 -19.42 5.27
CA GLU A 313 -18.70 -18.69 4.08
C GLU A 313 -17.86 -19.04 2.86
N ILE A 314 -16.60 -19.40 3.06
CA ILE A 314 -15.75 -19.79 1.94
C ILE A 314 -16.24 -21.09 1.33
N ASP A 315 -16.61 -22.06 2.17
CA ASP A 315 -17.15 -23.32 1.67
C ASP A 315 -18.56 -23.17 1.13
N ALA A 316 -19.27 -22.09 1.50
CA ALA A 316 -20.64 -21.91 1.05
C ALA A 316 -20.70 -21.57 -0.43
N VAL A 317 -20.03 -20.49 -0.84
CA VAL A 317 -20.03 -20.09 -2.24
C VAL A 317 -19.28 -21.09 -3.10
N LEU A 318 -18.27 -21.75 -2.54
CA LEU A 318 -17.51 -22.77 -3.25
C LEU A 318 -17.14 -23.88 -2.28
N PRO A 319 -17.66 -25.10 -2.47
CA PRO A 319 -17.43 -26.18 -1.50
C PRO A 319 -15.95 -26.50 -1.35
N ASN A 320 -15.67 -27.38 -0.39
CA ASN A 320 -14.29 -27.84 -0.17
C ASN A 320 -13.72 -28.41 -1.46
N LYS A 321 -12.53 -27.94 -1.82
CA LYS A 321 -11.85 -28.30 -3.08
C LYS A 321 -12.64 -27.78 -4.29
N ALA A 322 -13.03 -26.51 -4.22
CA ALA A 322 -13.61 -25.81 -5.37
C ALA A 322 -12.72 -24.61 -5.67
N PRO A 323 -12.13 -24.52 -6.88
CA PRO A 323 -11.17 -23.45 -7.14
C PRO A 323 -11.85 -22.10 -7.20
N PRO A 324 -11.18 -21.05 -6.77
CA PRO A 324 -11.77 -19.71 -6.85
C PRO A 324 -11.85 -19.21 -8.28
N THR A 325 -12.70 -18.20 -8.48
CA THR A 325 -12.89 -17.59 -9.79
C THR A 325 -13.18 -16.12 -9.59
N TYR A 326 -12.94 -15.34 -10.66
CA TYR A 326 -13.18 -13.89 -10.60
C TYR A 326 -14.62 -13.59 -10.21
N ASP A 327 -15.56 -14.43 -10.65
CA ASP A 327 -16.97 -14.20 -10.31
C ASP A 327 -17.31 -14.70 -8.91
N THR A 328 -16.55 -15.66 -8.39
CA THR A 328 -16.87 -16.23 -7.09
C THR A 328 -16.26 -15.43 -5.95
N VAL A 329 -15.08 -14.85 -6.16
CA VAL A 329 -14.42 -14.09 -5.10
C VAL A 329 -15.26 -12.89 -4.71
N LEU A 330 -15.77 -12.16 -5.70
CA LEU A 330 -16.62 -11.00 -5.44
C LEU A 330 -17.97 -11.39 -4.85
N GLN A 331 -18.28 -12.68 -4.78
CA GLN A 331 -19.56 -13.12 -4.22
C GLN A 331 -19.51 -13.31 -2.71
N MET A 332 -18.37 -13.78 -2.19
CA MET A 332 -18.21 -13.96 -0.75
C MET A 332 -18.22 -12.60 -0.08
N GLU A 333 -19.37 -12.22 0.49
CA GLU A 333 -19.52 -10.89 1.05
C GLU A 333 -18.67 -10.71 2.31
N TYR A 334 -18.50 -11.76 3.11
CA TYR A 334 -17.79 -11.62 4.37
C TYR A 334 -16.30 -11.44 4.16
N LEU A 335 -15.75 -12.04 3.11
CA LEU A 335 -14.33 -11.86 2.82
C LEU A 335 -14.01 -10.41 2.50
N ASP A 336 -14.91 -9.72 1.81
CA ASP A 336 -14.70 -8.29 1.56
C ASP A 336 -14.87 -7.47 2.82
N MET A 337 -15.70 -7.93 3.76
CA MET A 337 -15.82 -7.24 5.04
C MET A 337 -14.59 -7.43 5.90
N VAL A 338 -13.93 -8.58 5.79
CA VAL A 338 -12.77 -8.87 6.62
C VAL A 338 -11.57 -8.05 6.16
N VAL A 339 -11.37 -7.93 4.84
CA VAL A 339 -10.25 -7.16 4.34
C VAL A 339 -10.45 -5.67 4.57
N ASN A 340 -11.70 -5.22 4.57
CA ASN A 340 -11.96 -3.79 4.76
C ASN A 340 -11.65 -3.34 6.18
N GLU A 341 -12.07 -4.12 7.18
CA GLU A 341 -11.86 -3.72 8.57
C GLU A 341 -10.39 -3.79 8.94
N THR A 342 -9.67 -4.79 8.43
CA THR A 342 -8.23 -4.88 8.70
C THR A 342 -7.48 -3.71 8.09
N LEU A 343 -7.86 -3.31 6.87
CA LEU A 343 -7.27 -2.12 6.26
C LEU A 343 -7.62 -0.88 7.04
N ARG A 344 -8.80 -0.84 7.66
CA ARG A 344 -9.15 0.29 8.52
C ARG A 344 -8.24 0.34 9.74
N LEU A 345 -8.13 -0.78 10.46
CA LEU A 345 -7.28 -0.80 11.65
C LEU A 345 -5.82 -0.60 11.30
N PHE A 346 -5.42 -0.95 10.08
CA PHE A 346 -4.02 -0.85 9.65
C PHE A 346 -3.95 -0.35 8.21
N PRO A 347 -4.14 0.95 8.00
CA PRO A 347 -3.91 1.50 6.66
C PRO A 347 -2.43 1.74 6.39
N ILE A 348 -1.76 0.78 5.76
CA ILE A 348 -0.31 0.80 5.60
C ILE A 348 0.21 2.10 5.00
N ALA A 349 -0.66 2.90 4.39
CA ALA A 349 -0.20 4.22 3.88
C ALA A 349 0.04 5.16 5.05
N MET A 350 -0.91 5.21 6.01
CA MET A 350 -0.74 6.04 7.22
C MET A 350 -0.94 7.52 6.87
N ARG A 351 -0.90 7.88 5.59
CA ARG A 351 -0.98 9.28 5.21
C ARG A 351 -1.20 9.37 3.70
N LEU A 352 -1.94 10.40 3.28
CA LEU A 352 -2.08 10.77 1.88
C LEU A 352 -1.66 12.22 1.71
N GLU A 353 -0.82 12.48 0.72
CA GLU A 353 -0.24 13.81 0.55
C GLU A 353 -0.47 14.33 -0.85
N ARG A 354 -0.80 15.62 -0.94
CA ARG A 354 -0.96 16.33 -2.21
C ARG A 354 -0.30 17.70 -2.06
N VAL A 355 0.43 18.10 -3.09
CA VAL A 355 1.16 19.37 -3.08
C VAL A 355 0.26 20.45 -3.67
N CYS A 356 0.03 21.51 -2.91
CA CYS A 356 -0.75 22.66 -3.37
C CYS A 356 0.15 23.52 -4.24
N LYS A 357 0.07 23.32 -5.55
CA LYS A 357 0.95 23.97 -6.50
C LYS A 357 0.42 25.31 -7.01
N LYS A 358 -0.66 25.82 -6.41
CA LYS A 358 -1.20 27.10 -6.81
C LYS A 358 -2.09 27.62 -5.69
N ASP A 359 -2.11 28.95 -5.54
CA ASP A 359 -2.95 29.57 -4.53
C ASP A 359 -4.41 29.22 -4.77
N VAL A 360 -5.05 28.64 -3.76
CA VAL A 360 -6.43 28.17 -3.89
C VAL A 360 -7.13 28.32 -2.56
N GLU A 361 -8.40 28.69 -2.60
CA GLU A 361 -9.26 28.76 -1.42
C GLU A 361 -10.23 27.58 -1.51
N ILE A 362 -9.99 26.56 -0.69
CA ILE A 362 -10.75 25.32 -0.73
C ILE A 362 -11.63 25.27 0.53
N ASN A 363 -12.94 25.33 0.33
CA ASN A 363 -13.93 25.19 1.40
C ASN A 363 -13.70 26.21 2.51
N GLY A 364 -13.56 27.47 2.11
CA GLY A 364 -13.35 28.54 3.08
C GLY A 364 -12.02 28.48 3.80
N MET A 365 -10.94 28.19 3.08
CA MET A 365 -9.61 28.11 3.68
C MET A 365 -8.58 28.39 2.62
N PHE A 366 -7.72 29.37 2.85
CA PHE A 366 -6.70 29.74 1.89
C PHE A 366 -5.50 28.80 2.02
N ILE A 367 -5.12 28.16 0.93
CA ILE A 367 -3.99 27.25 0.89
C ILE A 367 -2.93 27.87 -0.03
N PRO A 368 -1.82 28.36 0.53
CA PRO A 368 -0.78 28.95 -0.33
C PRO A 368 -0.05 27.88 -1.12
N LYS A 369 0.74 28.34 -2.09
CA LYS A 369 1.45 27.44 -2.99
C LYS A 369 2.62 26.77 -2.28
N GLY A 370 2.94 25.55 -2.74
CA GLY A 370 4.04 24.78 -2.19
C GLY A 370 3.76 24.08 -0.88
N VAL A 371 2.61 24.34 -0.27
CA VAL A 371 2.29 23.74 1.03
C VAL A 371 1.84 22.30 0.82
N VAL A 372 2.41 21.40 1.60
CA VAL A 372 2.00 19.99 1.57
C VAL A 372 0.72 19.84 2.38
N VAL A 373 -0.32 19.33 1.74
CA VAL A 373 -1.61 19.08 2.39
C VAL A 373 -1.66 17.59 2.73
N MET A 374 -1.89 17.28 4.00
CA MET A 374 -1.82 15.92 4.50
C MET A 374 -3.20 15.42 4.90
N ILE A 375 -3.46 14.14 4.64
CA ILE A 375 -4.70 13.49 5.03
C ILE A 375 -4.35 12.28 5.89
N PRO A 376 -4.59 12.33 7.19
CA PRO A 376 -4.19 11.20 8.06
C PRO A 376 -5.16 10.04 7.97
N SER A 377 -4.79 9.01 7.21
CA SER A 377 -5.66 7.85 7.07
C SER A 377 -5.78 7.08 8.37
N TYR A 378 -4.66 6.93 9.09
CA TYR A 378 -4.69 6.17 10.34
C TYR A 378 -5.59 6.84 11.37
N ALA A 379 -5.46 8.16 11.54
CA ALA A 379 -6.24 8.87 12.54
C ALA A 379 -7.73 8.80 12.22
N LEU A 380 -8.09 9.03 10.95
CA LEU A 380 -9.50 8.97 10.56
C LEU A 380 -10.06 7.56 10.63
N HIS A 381 -9.21 6.54 10.43
CA HIS A 381 -9.67 5.16 10.51
C HIS A 381 -9.90 4.73 11.96
N ARG A 382 -9.28 5.41 12.92
CA ARG A 382 -9.50 5.13 14.34
C ARG A 382 -10.17 6.29 15.05
N ASP A 383 -10.88 7.13 14.31
CA ASP A 383 -11.61 8.25 14.90
C ASP A 383 -12.90 7.74 15.53
N PRO A 384 -13.14 8.00 16.81
CA PRO A 384 -14.42 7.56 17.42
C PRO A 384 -15.64 8.22 16.81
N LYS A 385 -15.48 9.36 16.13
CA LYS A 385 -16.63 10.06 15.58
C LYS A 385 -17.29 9.25 14.46
N TYR A 386 -16.49 8.58 13.63
CA TYR A 386 -17.02 7.81 12.52
C TYR A 386 -17.06 6.30 12.80
N TRP A 387 -16.46 5.84 13.88
CA TRP A 387 -16.41 4.41 14.20
C TRP A 387 -16.65 4.21 15.69
N THR A 388 -17.59 3.33 16.02
CA THR A 388 -17.87 2.98 17.40
C THR A 388 -16.97 1.83 17.82
N GLU A 389 -16.29 1.99 18.97
CA GLU A 389 -15.31 1.04 19.47
C GLU A 389 -14.28 0.77 18.38
N PRO A 390 -13.45 1.75 18.02
CA PRO A 390 -12.60 1.59 16.84
C PRO A 390 -11.48 0.59 17.02
N GLU A 391 -10.77 0.68 18.15
CA GLU A 391 -9.60 -0.20 18.36
C GLU A 391 -10.08 -1.66 18.33
N LYS A 392 -11.39 -1.86 18.21
CA LYS A 392 -11.93 -3.23 18.25
C LYS A 392 -12.14 -3.73 16.81
N PHE A 393 -11.58 -4.88 16.46
CA PHE A 393 -11.75 -5.47 15.10
C PHE A 393 -13.18 -5.96 14.97
N LEU A 394 -14.08 -5.08 14.55
CA LEU A 394 -15.49 -5.48 14.38
C LEU A 394 -15.82 -5.48 12.89
N PRO A 395 -15.56 -6.58 12.15
CA PRO A 395 -15.78 -6.60 10.70
C PRO A 395 -17.23 -6.42 10.27
N GLU A 396 -18.18 -6.36 11.21
CA GLU A 396 -19.58 -6.10 10.87
C GLU A 396 -19.83 -4.64 10.49
N ARG A 397 -18.83 -3.77 10.63
CA ARG A 397 -19.00 -2.36 10.25
C ARG A 397 -19.27 -2.20 8.77
N PHE A 398 -18.89 -3.18 7.95
CA PHE A 398 -19.11 -3.12 6.51
C PHE A 398 -20.21 -4.09 6.07
N SER A 399 -21.22 -4.28 6.90
CA SER A 399 -22.38 -5.06 6.51
C SER A 399 -23.21 -4.27 5.49
N LYS A 400 -24.10 -4.99 4.81
CA LYS A 400 -24.87 -4.38 3.72
C LYS A 400 -25.70 -3.20 4.20
N LYS A 401 -26.13 -3.20 5.45
CA LYS A 401 -26.93 -2.12 6.01
C LYS A 401 -26.09 -1.04 6.69
N ASN A 402 -24.83 -1.33 7.00
CA ASN A 402 -23.96 -0.37 7.65
C ASN A 402 -22.84 0.15 6.75
N LYS A 403 -22.62 -0.48 5.59
CA LYS A 403 -21.58 -0.01 4.67
C LYS A 403 -21.97 1.28 3.95
N ASP A 404 -23.23 1.70 4.05
CA ASP A 404 -23.66 2.96 3.48
C ASP A 404 -23.48 4.13 4.44
N ASN A 405 -23.26 3.87 5.73
CA ASN A 405 -23.08 4.93 6.70
C ASN A 405 -21.66 5.45 6.76
N ILE A 406 -20.68 4.69 6.28
CA ILE A 406 -19.30 5.13 6.32
C ILE A 406 -19.07 6.16 5.23
N ASP A 407 -18.27 7.18 5.56
CA ASP A 407 -17.96 8.23 4.59
C ASP A 407 -16.80 7.79 3.72
N PRO A 408 -16.95 7.75 2.39
CA PRO A 408 -15.85 7.26 1.54
C PRO A 408 -14.60 8.12 1.60
N TYR A 409 -14.67 9.35 2.13
CA TYR A 409 -13.52 10.22 2.27
C TYR A 409 -12.92 10.18 3.66
N ILE A 410 -13.42 9.28 4.52
CA ILE A 410 -12.80 9.01 5.82
C ILE A 410 -12.06 7.69 5.82
N TYR A 411 -12.70 6.64 5.29
CA TYR A 411 -12.05 5.34 5.13
C TYR A 411 -11.44 5.30 3.72
N THR A 412 -10.16 5.61 3.63
CA THR A 412 -9.42 5.65 2.37
C THR A 412 -8.19 4.78 2.48
N PRO A 413 -8.34 3.46 2.38
CA PRO A 413 -7.14 2.60 2.41
C PRO A 413 -6.36 2.64 1.12
N PHE A 414 -7.05 2.76 -0.02
CA PHE A 414 -6.41 2.91 -1.32
C PHE A 414 -6.46 4.34 -1.82
N GLY A 415 -6.73 5.30 -0.94
CA GLY A 415 -6.86 6.68 -1.37
C GLY A 415 -8.18 6.91 -2.09
N SER A 416 -8.19 7.94 -2.92
CA SER A 416 -9.35 8.26 -3.74
C SER A 416 -8.92 9.23 -4.84
N GLY A 417 -9.83 9.48 -5.76
CA GLY A 417 -9.58 10.38 -6.85
C GLY A 417 -8.85 9.72 -7.99
N PRO A 418 -8.47 10.52 -9.00
CA PRO A 418 -7.77 9.94 -10.17
C PRO A 418 -6.35 9.50 -9.89
N ARG A 419 -5.80 9.77 -8.70
CA ARG A 419 -4.47 9.29 -8.33
C ARG A 419 -4.55 8.29 -7.17
N ASN A 420 -5.65 7.55 -7.08
CA ASN A 420 -5.77 6.49 -6.11
C ASN A 420 -4.87 5.32 -6.50
N CYS A 421 -4.95 4.24 -5.73
CA CYS A 421 -4.16 3.05 -6.03
C CYS A 421 -4.64 2.44 -7.34
N ILE A 422 -3.75 2.43 -8.34
CA ILE A 422 -4.12 1.89 -9.66
C ILE A 422 -4.19 0.37 -9.62
N GLY A 423 -3.61 -0.26 -8.61
CA GLY A 423 -3.69 -1.70 -8.47
C GLY A 423 -4.61 -2.13 -7.36
N MET A 424 -5.59 -1.30 -7.02
CA MET A 424 -6.53 -1.64 -5.95
C MET A 424 -7.28 -2.92 -6.27
N ARG A 425 -7.80 -3.03 -7.49
CA ARG A 425 -8.55 -4.23 -7.87
C ARG A 425 -7.64 -5.44 -7.93
N PHE A 426 -6.40 -5.27 -8.40
CA PHE A 426 -5.46 -6.38 -8.47
C PHE A 426 -5.03 -6.83 -7.08
N ALA A 427 -4.70 -5.88 -6.21
CA ALA A 427 -4.26 -6.22 -4.87
C ALA A 427 -5.40 -6.86 -4.07
N LEU A 428 -6.62 -6.36 -4.24
CA LEU A 428 -7.76 -6.98 -3.57
C LEU A 428 -8.00 -8.40 -4.07
N MET A 429 -7.82 -8.61 -5.38
CA MET A 429 -8.01 -9.96 -5.93
C MET A 429 -6.88 -10.89 -5.52
N ASN A 430 -5.63 -10.38 -5.55
CA ASN A 430 -4.49 -11.21 -5.19
C ASN A 430 -4.58 -11.68 -3.75
N MET A 431 -4.98 -10.80 -2.85
CA MET A 431 -5.08 -11.18 -1.44
C MET A 431 -6.29 -12.07 -1.20
N LYS A 432 -7.42 -11.76 -1.84
CA LYS A 432 -8.63 -12.54 -1.62
C LYS A 432 -8.51 -13.95 -2.22
N LEU A 433 -7.84 -14.06 -3.38
CA LEU A 433 -7.61 -15.38 -3.95
C LEU A 433 -6.67 -16.21 -3.08
N ALA A 434 -5.73 -15.55 -2.40
CA ALA A 434 -4.83 -16.27 -1.50
C ALA A 434 -5.54 -16.63 -0.20
N LEU A 435 -6.45 -15.78 0.27
CA LEU A 435 -7.13 -16.04 1.53
C LEU A 435 -8.13 -17.17 1.39
N ILE A 436 -8.79 -17.29 0.24
CA ILE A 436 -9.81 -18.32 0.06
C ILE A 436 -9.18 -19.70 0.11
N ARG A 437 -8.00 -19.88 -0.51
CA ARG A 437 -7.35 -21.18 -0.53
C ARG A 437 -6.67 -21.50 0.79
N VAL A 438 -6.13 -20.50 1.49
CA VAL A 438 -5.44 -20.77 2.74
C VAL A 438 -6.42 -21.06 3.87
N LEU A 439 -7.63 -20.48 3.80
CA LEU A 439 -8.59 -20.68 4.87
C LEU A 439 -9.39 -21.96 4.68
N GLN A 440 -9.52 -22.45 3.45
CA GLN A 440 -10.25 -23.67 3.20
C GLN A 440 -9.42 -24.93 3.42
N ASN A 441 -8.17 -24.80 3.85
CA ASN A 441 -7.31 -25.94 4.13
C ASN A 441 -6.69 -25.93 5.51
N PHE A 442 -6.54 -24.78 6.16
CA PHE A 442 -5.87 -24.69 7.45
C PHE A 442 -6.65 -23.77 8.37
N SER A 443 -6.32 -23.85 9.66
CA SER A 443 -6.83 -22.95 10.69
C SER A 443 -5.64 -22.37 11.44
N PHE A 444 -5.80 -21.14 11.91
CA PHE A 444 -4.72 -20.39 12.53
C PHE A 444 -5.06 -20.11 13.99
N LYS A 445 -4.23 -20.64 14.89
CA LYS A 445 -4.42 -20.47 16.33
C LYS A 445 -3.31 -19.65 16.94
N PRO A 446 -3.59 -18.81 17.96
CA PRO A 446 -2.55 -18.02 18.61
C PRO A 446 -1.51 -18.89 19.29
N CYS A 447 -0.24 -18.72 18.94
CA CYS A 447 0.85 -19.48 19.61
C CYS A 447 1.26 -18.74 20.89
N LYS A 448 2.42 -19.08 21.46
CA LYS A 448 2.91 -18.43 22.70
C LYS A 448 2.48 -16.96 22.74
N THR A 450 3.34 -14.75 19.28
CA THR A 450 2.37 -13.68 19.09
C THR A 450 2.28 -12.82 20.35
N GLN A 451 1.56 -11.70 20.19
CA GLN A 451 1.36 -10.78 21.34
C GLN A 451 0.04 -10.05 21.15
N ILE A 452 -0.93 -10.32 22.03
CA ILE A 452 -2.28 -9.69 21.89
C ILE A 452 -2.11 -8.17 21.70
N PRO A 453 -1.35 -7.43 22.55
CA PRO A 453 -1.28 -5.98 22.39
C PRO A 453 -0.95 -5.58 20.95
N LEU A 454 -0.23 -6.42 20.21
CA LEU A 454 0.10 -6.16 18.81
C LEU A 454 0.66 -4.75 18.64
N LYS A 455 1.63 -4.40 19.50
CA LYS A 455 2.19 -3.06 19.52
C LYS A 455 2.76 -2.70 18.15
N LEU A 456 2.25 -1.62 17.57
CA LEU A 456 2.72 -1.15 16.29
C LEU A 456 4.13 -0.61 16.39
N SER A 457 4.83 -0.64 15.26
CA SER A 457 6.17 -0.07 15.21
C SER A 457 6.12 1.46 15.23
N LEU A 458 7.11 2.06 15.86
CA LEU A 458 7.19 3.51 16.00
C LEU A 458 7.85 4.18 14.79
N GLY A 459 8.20 3.42 13.76
CA GLY A 459 8.88 3.94 12.61
C GLY A 459 7.95 4.53 11.57
N GLY A 460 8.44 4.59 10.34
CA GLY A 460 7.70 5.15 9.22
C GLY A 460 6.95 4.15 8.37
N LEU A 461 6.93 2.88 8.74
CA LEU A 461 6.15 1.86 8.06
C LEU A 461 5.08 1.34 9.01
N LEU A 462 3.90 1.02 8.46
CA LEU A 462 2.84 0.43 9.26
C LEU A 462 2.95 -1.09 9.23
N GLN A 463 4.09 -1.57 9.72
CA GLN A 463 4.36 -2.98 9.96
C GLN A 463 4.73 -3.16 11.43
N PRO A 464 4.52 -4.35 11.98
CA PRO A 464 4.95 -4.57 13.37
C PRO A 464 6.40 -5.01 13.46
N GLU A 465 7.18 -4.34 14.30
CA GLU A 465 8.56 -4.77 14.52
C GLU A 465 8.61 -6.19 15.07
N LYS A 466 7.73 -6.50 16.01
CA LYS A 466 7.55 -7.88 16.45
C LYS A 466 6.88 -8.67 15.33
N PRO A 467 7.46 -9.77 14.87
CA PRO A 467 6.88 -10.51 13.75
C PRO A 467 5.53 -11.13 14.13
N VAL A 468 4.88 -11.71 13.12
CA VAL A 468 3.58 -12.35 13.26
C VAL A 468 3.79 -13.85 13.13
N VAL A 469 3.75 -14.55 14.26
CA VAL A 469 3.96 -15.99 14.30
C VAL A 469 2.79 -16.63 15.05
N LEU A 470 2.04 -17.47 14.36
CA LEU A 470 0.88 -18.15 14.93
C LEU A 470 0.94 -19.63 14.59
N LYS A 471 0.03 -20.40 15.19
CA LYS A 471 -0.02 -21.84 14.99
C LYS A 471 -0.96 -22.18 13.84
N VAL A 472 -0.50 -23.00 12.91
CA VAL A 472 -1.27 -23.41 11.74
C VAL A 472 -1.67 -24.87 11.92
N GLU A 473 -2.97 -25.13 11.94
CA GLU A 473 -3.52 -26.47 12.11
C GLU A 473 -4.21 -26.89 10.82
N SER A 474 -4.13 -28.19 10.50
CA SER A 474 -4.67 -28.73 9.26
C SER A 474 -6.11 -29.18 9.48
N ARG A 475 -6.65 -29.98 8.55
CA ARG A 475 -8.01 -30.46 8.65
C ARG A 475 -8.14 -31.85 8.01
CHA HEM B . -0.79 4.38 -4.78
CHB HEM B . -2.69 1.59 -1.22
CHC HEM B . -1.29 -2.31 -3.74
CHD HEM B . 0.08 0.42 -7.47
C1A HEM B . -1.39 3.97 -3.59
C2A HEM B . -1.84 4.83 -2.53
C3A HEM B . -2.36 4.06 -1.57
C4A HEM B . -2.26 2.68 -1.96
CMA HEM B . -2.97 4.52 -0.23
CAA HEM B . -1.76 6.39 -2.50
CBA HEM B . -2.91 7.02 -3.27
CGA HEM B . -2.97 8.48 -2.98
O1A HEM B . -1.91 9.17 -3.11
O2A HEM B . -4.10 9.02 -2.76
C1B HEM B . -2.43 0.28 -1.57
C2B HEM B . -2.72 -0.90 -0.78
C3B HEM B . -2.34 -1.97 -1.47
C4B HEM B . -1.80 -1.51 -2.74
CMB HEM B . -3.37 -0.86 0.64
CAB HEM B . -2.41 -3.47 -1.09
CBB HEM B . -3.28 -4.04 -0.25
C1C HEM B . -0.82 -1.92 -4.95
C2C HEM B . -0.34 -2.81 -5.99
C3C HEM B . 0.03 -2.05 -7.03
C4C HEM B . -0.18 -0.69 -6.69
CMC HEM B . -0.32 -4.33 -5.85
CAC HEM B . 0.62 -2.48 -8.40
CBC HEM B . 1.16 -3.67 -8.64
C1D HEM B . -0.01 1.72 -7.02
C2D HEM B . 0.41 2.87 -7.76
C3D HEM B . 0.18 3.97 -7.06
C4D HEM B . -0.41 3.55 -5.79
CMD HEM B . 1.02 2.77 -9.19
CAD HEM B . 0.48 5.42 -7.48
CBD HEM B . -0.72 5.99 -8.23
CGD HEM B . -0.30 7.18 -9.07
O1D HEM B . 0.52 7.98 -8.56
O2D HEM B . -0.84 7.37 -10.20
NA HEM B . -1.65 2.66 -3.21
NB HEM B . -1.88 -0.13 -2.76
NC HEM B . -0.70 -0.63 -5.42
ND HEM B . -0.50 2.17 -5.83
FE HEM B . -1.25 1.00 -4.32
C12 A1BNX C . 4.42 4.24 -1.02
C13 A1BNX C . 4.36 2.95 -0.20
C14 A1BNX C . 3.15 2.34 0.06
C15 A1BNX C . 3.11 1.17 0.80
C16 A1BNX C . 4.29 0.63 1.30
C21 A1BNX C . 6.24 3.43 -3.38
C20 A1BNX C . 4.91 3.10 -3.16
C17 A1BNX C . 5.50 1.24 1.04
C23 A1BNX C . 8.53 2.99 -4.27
C02 A1BNX C . 3.17 4.90 -3.21
C04 A1BNX C . 2.28 6.37 -1.27
C05 A1BNX C . 1.37 5.80 -0.40
C06 A1BNX C . 1.35 6.19 0.92
C07 A1BNX C . 2.23 7.15 1.38
C08 A1BNX C . 3.14 7.72 0.50
C09 A1BNX C . 3.17 7.33 -0.82
C19 A1BNX C . 5.55 2.40 0.29
C22 A1BNX C . 7.09 2.58 -4.05
C27 A1BNX C . 6.60 1.38 -4.52
C28 A1BNX C . 5.27 1.03 -4.32
C29 A1BNX C . 4.42 1.88 -3.63
C31 A1BNX C . 2.72 0.59 -2.62
C32 A1BNX C . 1.35 0.49 -2.79
C34 A1BNX C . 2.12 1.93 -4.16
F24 A1BNX C . 8.87 2.76 -5.57
F25 A1BNX C . 9.34 2.25 -3.45
F26 A1BNX C . 8.68 4.31 -3.98
N03 A1BNX C . 2.31 5.95 -2.66
N11 A1BNX C . 4.13 4.08 -2.44
N30 A1BNX C . 3.16 1.50 -3.47
N33 A1BNX C . 1.02 1.34 -3.76
O01 A1BNX C . 3.06 4.68 -4.36
O18 A1BNX C . 6.68 0.68 1.54
CL10 A1BNX C . 4.35 8.05 -1.95
#